data_3HTR
#
_entry.id   3HTR
#
_cell.length_a   25.644
_cell.length_b   63.061
_cell.length_c   61.866
_cell.angle_alpha   90.00
_cell.angle_beta   99.39
_cell.angle_gamma   90.00
#
_symmetry.space_group_name_H-M   'P 1 21 1'
#
loop_
_entity.id
_entity.type
_entity.pdbx_description
1 polymer 'uncharacterized PRC-barrel Domain Protein'
2 non-polymer 'ZINC ION'
3 non-polymer 'ACETIC ACID'
4 water water
#
_entity_poly.entity_id   1
_entity_poly.type   'polypeptide(L)'
_entity_poly.pdbx_seq_one_letter_code
;SNA(MSE)TPETNETLKLIGSDKVQGTAVYGPDGEKIGSIERV(MSE)IEKVSGRVSYAVLSFGGFLGIGDDHYPLPWPA
LKYNVELGGYQV(MSE)VTVDQLERAPKYGPGSEWDWRGARKVDDYYGVALT
;
_entity_poly.pdbx_strand_id   A,B
#
# COMPACT_ATOMS: atom_id res chain seq x y z
N PRO A 6 -2.28 19.94 2.45
CA PRO A 6 -1.20 19.45 1.59
C PRO A 6 -0.97 17.92 1.63
N GLU A 7 -2.03 17.13 1.81
CA GLU A 7 -1.92 15.68 1.57
C GLU A 7 -2.48 15.39 0.19
N THR A 8 -1.60 15.21 -0.78
CA THR A 8 -2.07 14.68 -2.03
C THR A 8 -1.88 13.18 -1.90
N ASN A 9 -2.92 12.46 -2.27
CA ASN A 9 -2.88 11.02 -2.15
C ASN A 9 -3.23 10.53 -3.53
N GLU A 10 -3.42 11.51 -4.42
CA GLU A 10 -3.60 11.17 -5.82
C GLU A 10 -3.06 12.25 -6.74
N THR A 11 -2.47 11.78 -7.83
CA THR A 11 -1.87 12.62 -8.84
C THR A 11 -2.46 12.18 -10.19
N LEU A 12 -2.05 12.80 -11.28
CA LEU A 12 -2.45 12.29 -12.58
C LEU A 12 -1.85 10.91 -12.82
N LYS A 13 -0.55 10.71 -12.54
CA LYS A 13 0.07 9.42 -12.90
C LYS A 13 0.23 8.46 -11.72
N LEU A 14 0.05 8.98 -10.51
CA LEU A 14 0.37 8.27 -9.26
C LEU A 14 -0.84 8.19 -8.35
N ILE A 15 -0.94 7.09 -7.60
CA ILE A 15 -2.02 6.94 -6.61
C ILE A 15 -1.46 6.46 -5.27
N GLY A 16 -1.90 7.08 -4.19
CA GLY A 16 -1.44 6.69 -2.87
C GLY A 16 -2.08 5.40 -2.38
N SER A 17 -1.26 4.58 -1.72
CA SER A 17 -1.71 3.34 -1.14
C SER A 17 -2.80 3.57 -0.11
N ASP A 18 -2.82 4.73 0.51
CA ASP A 18 -3.89 5.00 1.45
C ASP A 18 -5.17 5.33 0.69
N LYS A 19 -5.05 5.64 -0.61
CA LYS A 19 -6.26 5.88 -1.42
C LYS A 19 -6.72 4.57 -2.03
N VAL A 20 -5.77 3.77 -2.52
CA VAL A 20 -6.10 2.44 -3.04
C VAL A 20 -6.85 1.66 -1.97
N GLN A 21 -6.33 1.68 -0.74
N GLN A 21 -6.34 1.67 -0.76
CA GLN A 21 -6.95 0.99 0.39
CA GLN A 21 -6.96 0.95 0.34
C GLN A 21 -8.34 1.52 0.68
C GLN A 21 -8.34 1.51 0.65
N GLY A 22 -9.33 0.65 0.62
CA GLY A 22 -10.69 1.05 0.91
C GLY A 22 -11.48 1.43 -0.33
N THR A 23 -10.87 1.33 -1.52
CA THR A 23 -11.58 1.67 -2.74
C THR A 23 -12.47 0.52 -3.09
N ALA A 24 -13.69 0.89 -3.44
CA ALA A 24 -14.71 -0.07 -3.87
C ALA A 24 -14.28 -0.80 -5.15
N VAL A 25 -14.64 -2.07 -5.22
CA VAL A 25 -14.35 -2.89 -6.37
C VAL A 25 -15.72 -3.44 -6.84
N TYR A 26 -16.01 -3.25 -8.11
CA TYR A 26 -17.27 -3.66 -8.72
C TYR A 26 -16.98 -4.74 -9.74
N GLY A 27 -17.97 -5.58 -10.00
CA GLY A 27 -17.79 -6.61 -11.00
C GLY A 27 -18.21 -6.09 -12.34
N PRO A 28 -18.21 -6.95 -13.36
CA PRO A 28 -18.64 -6.59 -14.72
C PRO A 28 -20.04 -6.00 -14.75
N ASP A 29 -20.93 -6.52 -13.92
CA ASP A 29 -22.31 -6.07 -13.90
C ASP A 29 -22.50 -4.79 -13.11
N GLY A 30 -21.43 -4.29 -12.52
CA GLY A 30 -21.55 -3.06 -11.77
C GLY A 30 -22.12 -3.26 -10.37
N GLU A 31 -22.16 -4.49 -9.88
CA GLU A 31 -22.48 -4.73 -8.48
C GLU A 31 -21.16 -4.64 -7.67
N LYS A 32 -21.23 -4.09 -6.45
CA LYS A 32 -20.07 -4.04 -5.55
C LYS A 32 -19.77 -5.45 -5.00
N ILE A 33 -18.53 -5.87 -5.13
CA ILE A 33 -18.11 -7.16 -4.60
C ILE A 33 -17.50 -6.96 -3.23
N GLY A 34 -16.69 -5.90 -3.12
CA GLY A 34 -16.02 -5.62 -1.87
C GLY A 34 -15.09 -4.44 -2.07
N SER A 35 -13.92 -4.50 -1.45
CA SER A 35 -13.00 -3.40 -1.64
C SER A 35 -11.56 -3.83 -1.48
N ILE A 36 -10.63 -2.98 -1.88
CA ILE A 36 -9.21 -3.33 -1.80
C ILE A 36 -8.72 -3.16 -0.38
N GLU A 37 -8.23 -4.23 0.22
CA GLU A 37 -7.74 -4.15 1.60
C GLU A 37 -6.28 -3.70 1.68
N ARG A 38 -5.47 -4.09 0.70
CA ARG A 38 -4.07 -3.74 0.70
C ARG A 38 -3.52 -4.12 -0.64
N VAL A 39 -2.34 -3.62 -0.96
CA VAL A 39 -1.55 -4.16 -2.06
C VAL A 39 -0.32 -4.84 -1.43
N ILE A 41 3.42 -5.59 -1.88
CA ILE A 41 4.53 -4.98 -2.62
C ILE A 41 5.79 -5.83 -2.44
N GLU A 42 6.46 -6.14 -3.55
CA GLU A 42 7.73 -6.86 -3.53
C GLU A 42 8.75 -6.08 -2.72
N LYS A 43 9.24 -6.66 -1.64
CA LYS A 43 10.21 -5.95 -0.79
C LYS A 43 11.48 -5.48 -1.51
N VAL A 44 11.94 -6.23 -2.49
CA VAL A 44 13.12 -5.84 -3.23
C VAL A 44 12.81 -4.74 -4.24
N SER A 45 12.00 -5.07 -5.25
CA SER A 45 11.79 -4.14 -6.35
C SER A 45 10.83 -2.98 -6.07
N GLY A 46 10.01 -3.07 -5.02
CA GLY A 46 9.01 -2.05 -4.80
C GLY A 46 7.84 -2.10 -5.80
N ARG A 47 7.76 -3.15 -6.59
CA ARG A 47 6.59 -3.29 -7.47
C ARG A 47 5.45 -4.07 -6.82
N VAL A 48 4.23 -3.61 -7.07
CA VAL A 48 3.04 -4.30 -6.58
C VAL A 48 2.91 -5.67 -7.19
N SER A 49 2.84 -6.68 -6.36
CA SER A 49 2.71 -8.03 -6.85
C SER A 49 1.23 -8.30 -7.17
N TYR A 50 0.37 -8.01 -6.19
CA TYR A 50 -1.07 -8.12 -6.40
C TYR A 50 -1.80 -7.28 -5.36
N ALA A 51 -3.05 -6.96 -5.68
CA ALA A 51 -3.94 -6.23 -4.78
C ALA A 51 -4.86 -7.21 -4.08
N VAL A 52 -5.17 -6.96 -2.82
CA VAL A 52 -5.98 -7.91 -2.08
C VAL A 52 -7.43 -7.43 -2.08
N LEU A 53 -8.29 -8.14 -2.80
CA LEU A 53 -9.70 -7.83 -2.75
C LEU A 53 -10.31 -8.58 -1.57
N SER A 54 -10.83 -7.79 -0.64
CA SER A 54 -11.59 -8.30 0.50
C SER A 54 -13.10 -8.31 0.19
N PHE A 55 -13.77 -9.43 0.50
CA PHE A 55 -15.21 -9.55 0.29
C PHE A 55 -15.85 -10.50 1.28
N GLY A 56 -17.14 -10.31 1.53
CA GLY A 56 -17.80 -11.03 2.60
C GLY A 56 -17.40 -10.41 3.93
N GLY A 57 -18.32 -10.46 4.90
CA GLY A 57 -17.98 -9.99 6.22
C GLY A 57 -17.36 -8.61 6.18
N PHE A 58 -16.43 -8.34 7.08
CA PHE A 58 -15.90 -7.01 7.16
C PHE A 58 -14.40 -7.07 6.92
N LEU A 59 -13.82 -5.97 6.45
CA LEU A 59 -12.37 -5.94 6.29
C LEU A 59 -11.76 -6.34 7.61
N GLY A 60 -10.91 -7.36 7.58
CA GLY A 60 -10.18 -7.77 8.76
C GLY A 60 -10.91 -8.79 9.60
N ILE A 61 -12.22 -8.90 9.40
CA ILE A 61 -13.00 -9.86 10.17
C ILE A 61 -14.02 -10.60 9.33
N GLY A 62 -13.78 -11.91 9.19
CA GLY A 62 -14.74 -12.76 8.54
C GLY A 62 -14.79 -12.53 7.05
N ASP A 63 -13.81 -11.80 6.51
CA ASP A 63 -13.80 -11.63 5.06
C ASP A 63 -13.05 -12.78 4.37
N ASP A 64 -13.20 -12.83 3.06
CA ASP A 64 -12.43 -13.70 2.20
C ASP A 64 -11.56 -12.81 1.37
N HIS A 65 -10.65 -13.41 0.63
CA HIS A 65 -9.66 -12.66 -0.12
C HIS A 65 -9.51 -13.19 -1.50
N TYR A 66 -9.49 -12.29 -2.44
CA TYR A 66 -9.24 -12.66 -3.81
C TYR A 66 -8.10 -11.75 -4.33
N PRO A 67 -7.00 -12.36 -4.83
CA PRO A 67 -5.85 -11.55 -5.24
C PRO A 67 -5.98 -11.11 -6.70
N LEU A 68 -5.69 -9.85 -6.98
CA LEU A 68 -5.86 -9.35 -8.33
C LEU A 68 -4.54 -8.76 -8.83
N PRO A 69 -4.14 -9.12 -10.06
CA PRO A 69 -2.96 -8.47 -10.61
C PRO A 69 -3.27 -6.99 -10.73
N TRP A 70 -2.24 -6.16 -10.55
CA TRP A 70 -2.42 -4.72 -10.58
C TRP A 70 -3.16 -4.26 -11.84
N PRO A 71 -2.74 -4.77 -13.00
CA PRO A 71 -3.37 -4.31 -14.25
C PRO A 71 -4.87 -4.63 -14.35
N ALA A 72 -5.38 -5.55 -13.54
CA ALA A 72 -6.80 -5.92 -13.57
C ALA A 72 -7.69 -4.89 -12.88
N LEU A 73 -7.08 -3.92 -12.22
CA LEU A 73 -7.86 -2.91 -11.49
C LEU A 73 -8.17 -1.69 -12.35
N LYS A 74 -9.28 -1.70 -13.08
CA LYS A 74 -9.64 -0.55 -13.90
C LYS A 74 -10.54 0.39 -13.09
N TYR A 75 -10.09 1.62 -12.87
CA TYR A 75 -10.87 2.57 -12.12
C TYR A 75 -12.03 3.12 -12.97
N ASN A 76 -13.25 2.83 -12.56
CA ASN A 76 -14.44 3.30 -13.25
C ASN A 76 -14.98 4.58 -12.62
N VAL A 77 -14.80 5.71 -13.31
CA VAL A 77 -15.25 7.01 -12.83
C VAL A 77 -16.73 6.99 -12.48
N GLU A 78 -17.54 6.44 -13.38
CA GLU A 78 -18.99 6.38 -13.19
C GLU A 78 -19.36 5.67 -11.88
N LEU A 79 -18.72 4.55 -11.59
CA LEU A 79 -19.04 3.80 -10.37
C LEU A 79 -18.30 4.33 -9.15
N GLY A 80 -17.22 5.07 -9.37
CA GLY A 80 -16.39 5.59 -8.29
C GLY A 80 -15.65 4.45 -7.59
N GLY A 81 -14.91 3.67 -8.37
CA GLY A 81 -14.19 2.53 -7.83
C GLY A 81 -13.61 1.70 -8.94
N TYR A 82 -12.92 0.64 -8.56
CA TYR A 82 -12.32 -0.25 -9.53
C TYR A 82 -13.40 -1.17 -10.04
N GLN A 83 -13.21 -1.61 -11.28
CA GLN A 83 -14.11 -2.58 -11.88
C GLN A 83 -13.24 -3.63 -12.44
N VAL A 84 -13.56 -4.89 -12.14
CA VAL A 84 -12.68 -5.98 -12.48
C VAL A 84 -13.46 -7.05 -13.22
N VAL A 86 -14.20 -10.46 -12.92
CA VAL A 86 -14.19 -11.59 -12.01
C VAL A 86 -15.62 -12.07 -11.99
N THR A 87 -15.83 -13.37 -12.08
CA THR A 87 -17.18 -13.91 -11.97
C THR A 87 -17.46 -14.43 -10.57
N VAL A 88 -18.73 -14.73 -10.34
CA VAL A 88 -19.19 -15.27 -9.08
C VAL A 88 -18.51 -16.61 -8.81
N ASP A 89 -18.43 -17.45 -9.86
CA ASP A 89 -17.82 -18.75 -9.71
C ASP A 89 -16.36 -18.58 -9.29
N GLN A 90 -15.69 -17.54 -9.81
CA GLN A 90 -14.26 -17.35 -9.50
C GLN A 90 -14.10 -16.95 -8.06
N LEU A 91 -14.90 -15.99 -7.63
CA LEU A 91 -14.93 -15.61 -6.24
C LEU A 91 -15.21 -16.78 -5.32
N GLU A 92 -16.10 -17.68 -5.73
CA GLU A 92 -16.48 -18.82 -4.90
C GLU A 92 -15.30 -19.71 -4.64
N ARG A 93 -14.39 -19.73 -5.62
CA ARG A 93 -13.22 -20.57 -5.58
C ARG A 93 -11.97 -19.75 -5.21
N ALA A 94 -12.15 -18.70 -4.41
CA ALA A 94 -11.00 -17.95 -3.89
C ALA A 94 -10.07 -18.88 -3.05
N PRO A 95 -8.75 -18.66 -3.11
CA PRO A 95 -7.82 -19.58 -2.44
C PRO A 95 -7.98 -19.48 -0.94
N LYS A 96 -7.87 -20.59 -0.23
CA LYS A 96 -8.02 -20.57 1.23
C LYS A 96 -6.74 -20.12 1.89
N TYR A 97 -5.61 -20.32 1.21
CA TYR A 97 -4.34 -19.75 1.65
C TYR A 97 -3.84 -18.79 0.57
N GLY A 98 -2.84 -17.98 0.91
CA GLY A 98 -2.29 -17.01 -0.03
C GLY A 98 -1.77 -17.63 -1.31
N PRO A 99 -1.68 -16.83 -2.40
CA PRO A 99 -1.21 -17.31 -3.70
C PRO A 99 0.16 -18.00 -3.66
N GLY A 100 1.02 -17.63 -2.71
CA GLY A 100 2.37 -18.18 -2.65
C GLY A 100 2.44 -19.54 -1.99
N SER A 101 1.36 -20.30 -2.08
CA SER A 101 1.25 -21.57 -1.40
C SER A 101 0.91 -22.72 -2.35
N GLU A 102 1.56 -23.86 -2.17
CA GLU A 102 1.39 -25.02 -3.04
C GLU A 102 -0.05 -25.53 -3.16
N TRP A 103 -0.88 -25.20 -2.17
CA TRP A 103 -2.23 -25.77 -2.13
C TRP A 103 -3.22 -24.98 -2.99
N PRO B 6 -6.55 -15.29 9.40
CA PRO B 6 -5.85 -15.34 8.11
C PRO B 6 -5.58 -13.95 7.55
N GLU B 7 -5.30 -13.01 8.44
CA GLU B 7 -4.91 -11.68 8.03
C GLU B 7 -3.36 -11.61 8.08
N THR B 8 -2.72 -11.72 6.91
CA THR B 8 -1.27 -11.60 6.86
C THR B 8 -0.94 -10.38 6.01
N ASN B 9 0.03 -9.59 6.45
CA ASN B 9 0.34 -8.41 5.69
C ASN B 9 1.81 -8.36 5.38
N GLU B 10 2.47 -9.51 5.55
CA GLU B 10 3.90 -9.61 5.32
C GLU B 10 4.36 -11.03 5.08
N THR B 11 5.17 -11.25 4.07
CA THR B 11 5.68 -12.60 3.85
C THR B 11 7.17 -12.38 3.76
N LEU B 12 7.91 -13.42 3.40
CA LEU B 12 9.34 -13.26 3.22
C LEU B 12 9.65 -12.27 2.11
N LYS B 13 8.91 -12.34 1.02
CA LYS B 13 9.23 -11.49 -0.13
C LYS B 13 8.35 -10.25 -0.30
N LEU B 14 7.16 -10.23 0.32
CA LEU B 14 6.19 -9.15 0.13
C LEU B 14 5.84 -8.47 1.43
N ILE B 15 5.59 -7.16 1.35
CA ILE B 15 5.11 -6.36 2.45
C ILE B 15 3.80 -5.69 2.01
N GLY B 16 2.81 -5.66 2.90
CA GLY B 16 1.54 -5.03 2.57
C GLY B 16 1.59 -3.54 2.77
N SER B 17 0.95 -2.79 1.86
CA SER B 17 0.94 -1.34 1.91
C SER B 17 0.40 -0.88 3.24
N ASP B 18 -0.47 -1.67 3.85
CA ASP B 18 -1.06 -1.30 5.14
C ASP B 18 -0.11 -1.55 6.31
N LYS B 19 0.96 -2.29 6.07
CA LYS B 19 1.98 -2.42 7.11
C LYS B 19 3.08 -1.36 6.92
N VAL B 20 3.49 -1.14 5.67
CA VAL B 20 4.42 -0.07 5.30
C VAL B 20 3.95 1.27 5.85
N GLN B 21 2.67 1.53 5.76
CA GLN B 21 2.07 2.75 6.29
C GLN B 21 2.13 2.72 7.80
N GLY B 22 2.65 3.78 8.40
CA GLY B 22 2.81 3.83 9.85
C GLY B 22 4.12 3.25 10.38
N THR B 23 4.92 2.63 9.51
CA THR B 23 6.24 2.15 9.89
C THR B 23 7.22 3.31 10.22
N ALA B 24 7.90 3.17 11.36
CA ALA B 24 8.82 4.19 11.82
C ALA B 24 10.00 4.29 10.87
N VAL B 25 10.50 5.51 10.72
CA VAL B 25 11.69 5.76 9.91
C VAL B 25 12.78 6.39 10.80
N TYR B 26 13.96 5.77 10.78
CA TYR B 26 15.09 6.18 11.59
C TYR B 26 16.22 6.65 10.68
N GLY B 27 17.03 7.60 11.17
CA GLY B 27 18.16 8.12 10.42
C GLY B 27 19.43 7.31 10.68
N PRO B 28 20.55 7.73 10.09
CA PRO B 28 21.80 6.94 10.22
C PRO B 28 22.20 6.69 11.69
N ASP B 29 21.87 7.61 12.60
CA ASP B 29 22.23 7.49 14.02
C ASP B 29 21.22 6.71 14.87
N GLY B 30 20.17 6.18 14.26
CA GLY B 30 19.23 5.36 15.00
C GLY B 30 18.17 6.14 15.75
N GLU B 31 18.03 7.42 15.41
N GLU B 31 18.04 7.42 15.42
CA GLU B 31 17.01 8.24 16.05
CA GLU B 31 17.00 8.24 16.04
C GLU B 31 15.81 8.39 15.11
C GLU B 31 15.80 8.34 15.10
N LYS B 32 14.61 8.33 15.67
CA LYS B 32 13.39 8.35 14.88
C LYS B 32 13.16 9.75 14.24
N ILE B 33 12.98 9.76 12.92
CA ILE B 33 12.69 11.01 12.17
C ILE B 33 11.18 11.18 12.01
N GLY B 34 10.51 10.08 11.66
CA GLY B 34 9.09 10.18 11.36
C GLY B 34 8.57 8.80 11.07
N SER B 35 7.61 8.72 10.16
CA SER B 35 7.05 7.42 9.76
C SER B 35 6.57 7.49 8.30
N ILE B 36 6.34 6.35 7.67
CA ILE B 36 5.83 6.37 6.30
C ILE B 36 4.31 6.61 6.28
N GLU B 37 3.90 7.65 5.57
CA GLU B 37 2.49 8.01 5.58
C GLU B 37 1.70 7.25 4.51
N ARG B 38 2.35 7.03 3.38
CA ARG B 38 1.75 6.29 2.28
C ARG B 38 2.85 6.09 1.29
N VAL B 39 2.66 5.16 0.36
N VAL B 39 2.58 5.22 0.33
CA VAL B 39 3.50 5.11 -0.81
CA VAL B 39 3.45 5.05 -0.81
C VAL B 39 2.67 5.59 -2.02
C VAL B 39 2.67 5.50 -2.07
N ILE B 41 2.11 4.95 -5.93
CA ILE B 41 2.28 3.90 -6.90
C ILE B 41 1.98 4.46 -8.28
N GLU B 42 2.82 4.13 -9.28
CA GLU B 42 2.56 4.47 -10.67
C GLU B 42 1.30 3.77 -11.13
N LYS B 43 0.32 4.55 -11.58
CA LYS B 43 -0.97 3.98 -11.95
C LYS B 43 -0.89 2.94 -13.04
N VAL B 44 -0.01 3.15 -14.00
CA VAL B 44 0.11 2.22 -15.11
C VAL B 44 1.04 1.04 -14.85
N SER B 45 2.10 1.20 -14.08
CA SER B 45 3.03 0.08 -13.93
C SER B 45 2.83 -0.73 -12.65
N GLY B 46 2.20 -0.16 -11.64
CA GLY B 46 2.15 -0.82 -10.35
C GLY B 46 3.47 -0.70 -9.54
N ARG B 47 4.45 0.03 -10.05
CA ARG B 47 5.69 0.23 -9.30
C ARG B 47 5.57 1.42 -8.35
N VAL B 48 6.09 1.27 -7.14
CA VAL B 48 6.11 2.32 -6.15
C VAL B 48 7.06 3.42 -6.60
N SER B 49 6.56 4.63 -6.73
CA SER B 49 7.40 5.69 -7.25
C SER B 49 8.25 6.25 -6.11
N TYR B 50 7.63 6.51 -4.97
CA TYR B 50 8.37 6.93 -3.78
C TYR B 50 7.45 6.70 -2.61
N ALA B 51 8.02 6.64 -1.42
CA ALA B 51 7.23 6.55 -0.21
C ALA B 51 7.23 7.91 0.46
N VAL B 52 6.13 8.30 1.10
CA VAL B 52 6.11 9.61 1.72
C VAL B 52 6.52 9.53 3.20
N LEU B 53 7.67 10.11 3.53
CA LEU B 53 8.08 10.25 4.93
C LEU B 53 7.43 11.48 5.54
N SER B 54 6.57 11.28 6.54
CA SER B 54 5.94 12.40 7.26
C SER B 54 6.78 12.70 8.50
N PHE B 55 7.19 13.95 8.69
CA PHE B 55 8.01 14.24 9.85
C PHE B 55 7.65 15.61 10.38
N GLY B 56 7.93 15.86 11.65
CA GLY B 56 7.42 17.06 12.33
C GLY B 56 5.90 17.06 12.50
N GLY B 57 5.40 17.94 13.36
CA GLY B 57 3.97 18.03 13.64
C GLY B 57 3.27 16.69 13.93
N PHE B 58 2.20 16.44 13.19
CA PHE B 58 1.44 15.19 13.34
C PHE B 58 1.20 14.55 11.98
N LEU B 59 1.07 13.24 11.96
CA LEU B 59 0.70 12.52 10.74
C LEU B 59 -0.45 13.19 9.98
N GLY B 60 -0.12 13.86 8.88
CA GLY B 60 -1.13 14.46 8.01
C GLY B 60 -1.46 15.90 8.35
N ILE B 61 -1.24 16.27 9.62
CA ILE B 61 -1.65 17.58 10.13
C ILE B 61 -0.44 18.32 10.72
N GLY B 62 -0.01 19.37 10.02
CA GLY B 62 1.16 20.14 10.41
C GLY B 62 2.48 19.48 10.03
N ASP B 63 2.41 18.28 9.45
CA ASP B 63 3.63 17.56 9.14
C ASP B 63 4.30 18.08 7.85
N ASP B 64 5.57 17.72 7.69
CA ASP B 64 6.30 17.97 6.45
C ASP B 64 6.51 16.66 5.76
N HIS B 65 6.87 16.71 4.49
CA HIS B 65 6.99 15.51 3.70
C HIS B 65 8.30 15.41 3.02
N TYR B 66 8.82 14.20 3.01
CA TYR B 66 10.04 13.91 2.30
C TYR B 66 9.88 12.64 1.48
N PRO B 67 10.13 12.73 0.17
CA PRO B 67 9.97 11.58 -0.73
C PRO B 67 11.17 10.64 -0.71
N LEU B 68 10.96 9.39 -0.35
CA LEU B 68 12.05 8.42 -0.32
C LEU B 68 11.83 7.37 -1.41
N PRO B 69 12.74 7.28 -2.38
CA PRO B 69 12.68 6.17 -3.35
C PRO B 69 12.64 4.87 -2.60
N TRP B 70 12.06 3.86 -3.23
CA TRP B 70 11.82 2.62 -2.54
C TRP B 70 13.11 1.91 -2.06
N PRO B 71 14.14 1.83 -2.94
CA PRO B 71 15.41 1.21 -2.54
C PRO B 71 16.10 1.93 -1.38
N ALA B 72 15.75 3.19 -1.15
CA ALA B 72 16.27 3.96 -0.02
C ALA B 72 15.79 3.44 1.33
N LEU B 73 14.75 2.60 1.34
CA LEU B 73 14.20 2.11 2.59
C LEU B 73 14.84 0.79 2.96
N LYS B 74 15.66 0.78 4.01
CA LYS B 74 16.23 -0.46 4.49
C LYS B 74 15.62 -0.83 5.83
N TYR B 75 14.91 -1.95 5.87
CA TYR B 75 14.33 -2.36 7.13
C TYR B 75 15.44 -2.76 8.15
N ASN B 76 15.34 -2.21 9.35
CA ASN B 76 16.28 -2.47 10.42
C ASN B 76 15.57 -3.19 11.56
N VAL B 77 15.82 -4.50 11.67
CA VAL B 77 15.14 -5.32 12.67
C VAL B 77 15.37 -4.78 14.09
N GLU B 78 16.62 -4.42 14.40
CA GLU B 78 16.96 -3.92 15.72
C GLU B 78 16.14 -2.69 16.08
N LEU B 79 16.12 -1.70 15.19
CA LEU B 79 15.38 -0.46 15.46
C LEU B 79 13.87 -0.64 15.32
N GLY B 80 13.46 -1.65 14.58
CA GLY B 80 12.04 -1.88 14.29
C GLY B 80 11.42 -0.87 13.32
N GLY B 81 12.12 -0.52 12.24
CA GLY B 81 11.57 0.37 11.25
C GLY B 81 12.53 0.50 10.09
N TYR B 82 12.21 1.38 9.16
CA TYR B 82 13.13 1.67 8.08
C TYR B 82 14.28 2.55 8.58
N GLN B 83 15.46 2.28 8.06
CA GLN B 83 16.57 3.17 8.37
C GLN B 83 17.00 3.72 7.05
N VAL B 84 17.11 5.06 6.99
CA VAL B 84 17.38 5.76 5.75
C VAL B 84 18.58 6.69 5.92
N VAL B 86 19.32 10.01 5.38
CA VAL B 86 19.07 11.41 5.23
C VAL B 86 19.63 12.17 6.43
N THR B 87 20.19 13.34 6.15
CA THR B 87 20.64 14.25 7.17
C THR B 87 19.56 15.27 7.51
N VAL B 88 19.77 15.95 8.62
CA VAL B 88 18.88 17.02 9.05
C VAL B 88 18.87 18.13 8.01
N ASP B 89 20.02 18.45 7.45
CA ASP B 89 20.00 19.55 6.48
C ASP B 89 19.13 19.20 5.23
N GLN B 90 19.15 17.93 4.84
CA GLN B 90 18.31 17.47 3.72
C GLN B 90 16.84 17.57 4.07
N LEU B 91 16.48 17.08 5.25
CA LEU B 91 15.10 17.16 5.71
C LEU B 91 14.61 18.61 5.73
N GLU B 92 15.51 19.52 6.04
CA GLU B 92 15.15 20.92 6.12
C GLU B 92 14.80 21.52 4.77
N ARG B 93 15.41 20.99 3.70
CA ARG B 93 15.16 21.46 2.35
C ARG B 93 14.21 20.53 1.64
N ALA B 94 13.26 19.96 2.40
CA ALA B 94 12.24 19.12 1.78
C ALA B 94 11.33 19.98 0.88
N PRO B 95 11.05 19.50 -0.34
CA PRO B 95 10.18 20.22 -1.30
C PRO B 95 8.77 20.37 -0.76
#